data_9AV8
#
_entry.id   9AV8
#
_cell.length_a   77.68
_cell.length_b   185.24
_cell.length_c   64.45
_cell.angle_alpha   90
_cell.angle_beta   90
_cell.angle_gamma   90
#
_symmetry.space_group_name_H-M   'P 21 21 2'
#
loop_
_entity.id
_entity.type
_entity.pdbx_description
1 polymer 'Hydroxysteroid 17-beta dehydrogenase 13'
2 non-polymer NICOTINAMIDE-ADENINE-DINUCLEOTIDE
3 non-polymer '7-[3-chloro-4-(cyclobutylmethoxy)benzene-1-sulfonamido]-2-methyl-2H-indazole-4-carboxylic acid'
4 water water
#
_entity_poly.entity_id   1
_entity_poly.type   'polypeptide(L)'
_entity_poly.pdbx_seq_one_letter_code
;MGNIILDLLLLLLTIIYSYLEALVKVFFPRKRKSVAGEIVLITGAGHGIGRWTAYEFAKQKSRLVLWDINKHGVEETAAE
CRKLGATVHTFVVDCGNREDIYNSVKQVKKEVGDVTILVNNAGTVYPADLLSTKDEEITKTFEINILGHFWITKALLPSM
IKRNHGHIVTVASVCGHEGIPYLIPYCSSKFAAVGFHRGLTSELQALGITGIKTSCLCPVFVNTGFTKNPSTRLWPVLET
DTVARSLIDGILTNKKMIFVPSYINIFLILDKFLPERALAAINHLQNIQFEAVVGHKTRMKGSGHHHHHHHHHHH
;
_entity_poly.pdbx_strand_id   A,B
#
# COMPACT_ATOMS: atom_id res chain seq x y z
N GLY A 2 28.88 17.63 11.28
CA GLY A 2 29.60 17.22 10.09
C GLY A 2 28.68 16.84 8.93
N ASN A 3 27.58 16.14 9.23
CA ASN A 3 26.62 15.72 8.22
C ASN A 3 25.84 16.90 7.59
N ILE A 4 25.88 18.08 8.23
CA ILE A 4 25.17 19.28 7.73
C ILE A 4 25.81 19.84 6.43
N ILE A 5 27.11 19.53 6.19
CA ILE A 5 27.86 19.95 5.00
C ILE A 5 27.27 19.37 3.71
N LEU A 6 27.03 18.05 3.70
CA LEU A 6 26.44 17.34 2.56
C LEU A 6 24.96 17.68 2.36
N ASP A 7 24.26 18.04 3.44
CA ASP A 7 22.83 18.37 3.42
C ASP A 7 22.49 19.68 2.71
N LEU A 8 23.49 20.56 2.46
CA LEU A 8 23.21 21.81 1.74
C LEU A 8 22.96 21.61 0.24
N LEU A 9 23.36 20.44 -0.32
CA LEU A 9 23.12 20.07 -1.72
C LEU A 9 21.61 19.86 -1.94
N LEU A 10 20.94 19.24 -0.96
CA LEU A 10 19.50 19.00 -0.98
C LEU A 10 18.74 20.32 -0.80
N LEU A 11 19.25 21.20 0.08
CA LEU A 11 18.66 22.50 0.36
C LEU A 11 18.69 23.42 -0.87
N LEU A 12 19.75 23.32 -1.69
CA LEU A 12 19.86 24.13 -2.89
C LEU A 12 18.89 23.65 -3.98
N LEU A 13 18.65 22.32 -4.06
CA LEU A 13 17.73 21.76 -5.04
C LEU A 13 16.25 21.99 -4.71
N THR A 14 15.93 22.19 -3.41
CA THR A 14 14.56 22.48 -3.01
C THR A 14 14.19 23.92 -3.35
N ILE A 15 15.15 24.86 -3.22
CA ILE A 15 14.91 26.25 -3.62
C ILE A 15 14.92 26.37 -5.17
N ILE A 16 15.68 25.46 -5.85
CA ILE A 16 15.74 25.35 -7.30
C ILE A 16 14.36 24.92 -7.83
N TYR A 17 13.72 23.95 -7.15
CA TYR A 17 12.39 23.49 -7.52
C TYR A 17 11.34 24.56 -7.17
N SER A 18 11.53 25.27 -6.06
CA SER A 18 10.62 26.32 -5.59
C SER A 18 10.33 27.38 -6.67
N TYR A 19 11.36 27.96 -7.28
CA TYR A 19 11.15 28.98 -8.32
C TYR A 19 10.65 28.33 -9.62
N LEU A 20 11.16 27.12 -9.95
CA LEU A 20 10.80 26.35 -11.14
C LEU A 20 9.32 25.94 -11.18
N GLU A 21 8.78 25.47 -10.06
CA GLU A 21 7.40 25.04 -9.91
C GLU A 21 6.47 26.25 -9.91
N ALA A 22 6.85 27.31 -9.19
CA ALA A 22 6.08 28.55 -9.15
C ALA A 22 6.09 29.31 -10.49
N LEU A 23 7.09 29.04 -11.34
CA LEU A 23 7.18 29.64 -12.68
C LEU A 23 6.18 28.97 -13.61
N VAL A 24 5.98 27.64 -13.48
CA VAL A 24 5.01 26.89 -14.29
C VAL A 24 3.58 27.26 -13.88
N LYS A 25 3.34 27.42 -12.55
CA LYS A 25 2.04 27.83 -12.01
C LYS A 25 1.60 29.24 -12.46
N VAL A 26 2.49 30.01 -13.12
CA VAL A 26 2.19 31.37 -13.56
C VAL A 26 2.35 31.53 -15.08
N PHE A 27 3.53 31.15 -15.64
CA PHE A 27 3.85 31.24 -17.08
C PHE A 27 2.88 30.38 -17.93
N PHE A 28 2.83 29.07 -17.67
CA PHE A 28 1.90 28.15 -18.35
C PHE A 28 1.09 27.45 -17.26
N PRO A 29 0.04 28.11 -16.72
CA PRO A 29 -0.72 27.49 -15.61
C PRO A 29 -1.88 26.57 -16.03
N ARG A 30 -2.10 25.51 -15.23
CA ARG A 30 -3.17 24.53 -15.45
C ARG A 30 -4.56 25.19 -15.35
N LYS A 31 -5.58 24.65 -16.01
CA LYS A 31 -6.93 25.20 -15.99
C LYS A 31 -7.66 24.92 -14.65
N ARG A 32 -7.99 25.99 -13.91
CA ARG A 32 -8.72 25.90 -12.64
C ARG A 32 -10.21 25.80 -12.90
N LYS A 33 -10.86 24.80 -12.32
CA LYS A 33 -12.30 24.60 -12.50
C LYS A 33 -13.10 25.14 -11.27
N SER A 34 -14.44 25.06 -11.32
CA SER A 34 -15.28 25.50 -10.21
C SER A 34 -15.92 24.30 -9.52
N VAL A 35 -15.91 24.28 -8.19
CA VAL A 35 -16.57 23.20 -7.43
C VAL A 35 -17.79 23.74 -6.66
N ALA A 36 -18.44 24.78 -7.21
CA ALA A 36 -19.59 25.42 -6.59
C ALA A 36 -20.85 24.61 -6.83
N GLY A 37 -21.57 24.34 -5.74
CA GLY A 37 -22.80 23.56 -5.77
C GLY A 37 -22.62 22.06 -5.88
N GLU A 38 -21.40 21.56 -5.65
CA GLU A 38 -21.13 20.13 -5.75
C GLU A 38 -21.34 19.45 -4.41
N ILE A 39 -21.63 18.12 -4.40
CA ILE A 39 -21.81 17.39 -3.14
C ILE A 39 -20.46 16.77 -2.69
N VAL A 40 -19.74 17.51 -1.86
CA VAL A 40 -18.43 17.11 -1.38
C VAL A 40 -18.54 16.44 -0.03
N LEU A 41 -18.31 15.11 0.02
CA LEU A 41 -18.27 14.30 1.25
C LEU A 41 -16.83 14.26 1.72
N ILE A 42 -16.59 14.55 3.00
CA ILE A 42 -15.22 14.52 3.55
C ILE A 42 -15.15 13.66 4.82
N THR A 43 -14.54 12.45 4.73
CA THR A 43 -14.40 11.58 5.90
C THR A 43 -13.22 12.03 6.75
N GLY A 44 -13.34 11.93 8.06
CA GLY A 44 -12.28 12.37 8.96
C GLY A 44 -12.15 13.87 8.93
N ALA A 45 -13.31 14.56 8.90
CA ALA A 45 -13.36 16.02 8.83
C ALA A 45 -13.64 16.72 10.15
N GLY A 46 -13.34 16.05 11.26
CA GLY A 46 -13.52 16.66 12.57
C GLY A 46 -12.32 17.45 13.05
N HIS A 47 -11.16 17.26 12.40
CA HIS A 47 -9.93 17.94 12.78
C HIS A 47 -8.85 17.78 11.71
N GLY A 48 -7.88 18.68 11.75
CA GLY A 48 -6.69 18.68 10.92
C GLY A 48 -6.91 18.87 9.43
N ILE A 49 -6.32 17.96 8.62
CA ILE A 49 -6.42 18.00 7.16
C ILE A 49 -7.87 17.87 6.69
N GLY A 50 -8.70 17.15 7.42
CA GLY A 50 -10.11 17.00 7.06
C GLY A 50 -10.94 18.23 7.39
N ARG A 51 -10.67 18.83 8.55
CA ARG A 51 -11.36 20.01 9.04
C ARG A 51 -11.05 21.21 8.16
N TRP A 52 -9.79 21.38 7.79
CA TRP A 52 -9.38 22.52 6.98
C TRP A 52 -9.69 22.33 5.47
N THR A 53 -10.01 21.10 5.05
CA THR A 53 -10.48 20.83 3.70
C THR A 53 -11.95 21.28 3.62
N ALA A 54 -12.75 20.97 4.65
CA ALA A 54 -14.14 21.44 4.73
C ALA A 54 -14.19 22.97 4.80
N TYR A 55 -13.17 23.63 5.38
CA TYR A 55 -13.13 25.10 5.42
C TYR A 55 -12.87 25.60 4.01
N GLU A 56 -11.95 24.96 3.26
CA GLU A 56 -11.61 25.38 1.90
C GLU A 56 -12.74 25.14 0.90
N PHE A 57 -13.48 24.06 1.08
CA PHE A 57 -14.62 23.78 0.21
C PHE A 57 -15.76 24.74 0.50
N ALA A 58 -15.95 25.13 1.78
CA ALA A 58 -16.96 26.13 2.16
C ALA A 58 -16.66 27.49 1.51
N LYS A 59 -15.38 27.78 1.24
CA LYS A 59 -14.97 29.00 0.58
C LYS A 59 -15.38 28.96 -0.90
N GLN A 60 -15.34 27.75 -1.53
CA GLN A 60 -15.70 27.50 -2.93
C GLN A 60 -17.22 27.39 -3.20
N LYS A 61 -18.05 27.64 -2.18
CA LYS A 61 -19.51 27.57 -2.23
C LYS A 61 -20.02 26.18 -2.62
N SER A 62 -19.59 25.14 -1.90
CA SER A 62 -19.98 23.75 -2.14
C SER A 62 -21.03 23.25 -1.14
N ARG A 63 -21.64 22.07 -1.42
CA ARG A 63 -22.62 21.40 -0.55
C ARG A 63 -21.98 20.26 0.29
N LEU A 64 -21.43 20.61 1.47
CA LEU A 64 -20.72 19.68 2.34
C LEU A 64 -21.55 18.68 3.11
N VAL A 65 -20.96 17.50 3.24
CA VAL A 65 -21.41 16.32 3.95
C VAL A 65 -20.17 15.88 4.70
N LEU A 66 -20.18 15.92 6.05
CA LEU A 66 -18.98 15.57 6.82
C LEU A 66 -19.22 14.31 7.65
N TRP A 67 -18.25 13.37 7.61
CA TRP A 67 -18.28 12.09 8.32
C TRP A 67 -17.13 11.98 9.31
N ASP A 68 -17.37 11.46 10.52
CA ASP A 68 -16.34 11.31 11.55
C ASP A 68 -16.85 10.49 12.76
N ILE A 69 -15.94 10.00 13.61
CA ILE A 69 -16.32 9.29 14.84
C ILE A 69 -16.50 10.28 16.01
N ASN A 70 -15.84 11.46 15.95
CA ASN A 70 -15.87 12.53 16.92
C ASN A 70 -17.06 13.40 16.63
N LYS A 71 -18.17 13.18 17.33
CA LYS A 71 -19.38 13.98 17.09
C LYS A 71 -19.16 15.48 17.30
N HIS A 72 -18.47 15.86 18.37
CA HIS A 72 -18.17 17.25 18.72
C HIS A 72 -17.28 17.96 17.71
N GLY A 73 -16.22 17.30 17.29
CA GLY A 73 -15.24 17.83 16.35
C GLY A 73 -15.81 18.10 14.99
N VAL A 74 -16.55 17.12 14.43
CA VAL A 74 -17.19 17.28 13.12
C VAL A 74 -18.34 18.30 13.14
N GLU A 75 -19.01 18.45 14.30
CA GLU A 75 -20.08 19.42 14.45
C GLU A 75 -19.52 20.84 14.50
N GLU A 76 -18.34 21.00 15.14
CA GLU A 76 -17.67 22.30 15.22
C GLU A 76 -17.06 22.71 13.88
N THR A 77 -16.66 21.73 13.04
CA THR A 77 -16.15 22.05 11.71
C THR A 77 -17.31 22.56 10.88
N ALA A 78 -18.47 21.86 10.95
CA ALA A 78 -19.71 22.22 10.26
C ALA A 78 -20.16 23.61 10.71
N ALA A 79 -19.98 23.93 12.01
CA ALA A 79 -20.34 25.23 12.53
C ALA A 79 -19.51 26.32 11.87
N GLU A 80 -18.18 26.14 11.74
CA GLU A 80 -17.34 27.16 11.08
C GLU A 80 -17.51 27.16 9.55
N CYS A 81 -17.95 26.03 8.97
CA CYS A 81 -18.24 25.95 7.54
C CYS A 81 -19.55 26.67 7.24
N ARG A 82 -20.52 26.63 8.18
CA ARG A 82 -21.80 27.34 8.08
C ARG A 82 -21.54 28.84 8.19
N LYS A 83 -20.65 29.25 9.12
CA LYS A 83 -20.26 30.65 9.28
C LYS A 83 -19.57 31.25 8.02
N LEU A 84 -19.32 30.42 6.99
CA LEU A 84 -18.74 30.83 5.72
C LEU A 84 -19.81 30.93 4.59
N GLY A 85 -20.97 30.28 4.78
CA GLY A 85 -22.05 30.32 3.82
C GLY A 85 -22.41 28.99 3.20
N ALA A 86 -21.63 27.94 3.48
CA ALA A 86 -21.88 26.62 2.91
C ALA A 86 -23.05 25.89 3.56
N THR A 87 -23.68 25.01 2.80
CA THR A 87 -24.76 24.17 3.30
C THR A 87 -24.04 22.96 3.84
N VAL A 88 -24.08 22.71 5.15
CA VAL A 88 -23.33 21.58 5.72
C VAL A 88 -24.21 20.64 6.53
N HIS A 89 -24.14 19.34 6.24
CA HIS A 89 -24.92 18.34 6.97
C HIS A 89 -23.98 17.24 7.40
N THR A 90 -23.92 16.95 8.70
CA THR A 90 -22.97 15.97 9.26
C THR A 90 -23.60 14.66 9.72
N PHE A 91 -22.78 13.57 9.80
CA PHE A 91 -23.17 12.22 10.20
C PHE A 91 -22.03 11.54 10.96
N VAL A 92 -22.30 10.97 12.14
CA VAL A 92 -21.26 10.25 12.89
C VAL A 92 -21.14 8.85 12.30
N VAL A 93 -20.08 8.62 11.51
CA VAL A 93 -19.88 7.35 10.81
C VAL A 93 -18.53 6.75 11.12
N ASP A 94 -18.51 5.47 11.51
CA ASP A 94 -17.25 4.75 11.73
C ASP A 94 -16.76 4.42 10.33
N CYS A 95 -15.88 5.27 9.77
CA CYS A 95 -15.39 5.15 8.40
C CYS A 95 -14.41 3.99 8.17
N GLY A 96 -14.45 3.00 9.04
CA GLY A 96 -13.69 1.76 8.93
C GLY A 96 -14.60 0.56 8.84
N ASN A 97 -15.85 0.70 9.40
CA ASN A 97 -16.91 -0.31 9.44
C ASN A 97 -17.74 -0.26 8.17
N ARG A 98 -17.72 -1.34 7.40
CA ARG A 98 -18.39 -1.52 6.12
C ARG A 98 -19.90 -1.41 6.22
N GLU A 99 -20.52 -2.07 7.22
CA GLU A 99 -21.97 -2.02 7.38
C GLU A 99 -22.46 -0.65 7.87
N ASP A 100 -21.60 0.11 8.58
CA ASP A 100 -21.96 1.46 9.04
C ASP A 100 -21.86 2.42 7.86
N ILE A 101 -20.78 2.30 7.04
CA ILE A 101 -20.59 3.15 5.88
C ILE A 101 -21.78 3.02 4.90
N TYR A 102 -22.18 1.78 4.57
CA TYR A 102 -23.30 1.50 3.66
C TYR A 102 -24.62 1.97 4.22
N ASN A 103 -24.79 1.84 5.54
CA ASN A 103 -25.98 2.29 6.22
C ASN A 103 -26.11 3.81 6.14
N SER A 104 -24.98 4.53 6.28
CA SER A 104 -24.96 5.99 6.22
C SER A 104 -24.99 6.55 4.81
N VAL A 105 -24.58 5.76 3.81
CA VAL A 105 -24.65 6.17 2.40
C VAL A 105 -26.14 6.31 2.02
N LYS A 106 -26.97 5.35 2.44
CA LYS A 106 -28.40 5.39 2.20
C LYS A 106 -29.06 6.57 2.92
N GLN A 107 -28.53 7.01 4.06
CA GLN A 107 -29.03 8.18 4.77
C GLN A 107 -28.57 9.48 4.05
N VAL A 108 -27.39 9.44 3.42
CA VAL A 108 -26.85 10.55 2.64
C VAL A 108 -27.75 10.74 1.42
N LYS A 109 -28.20 9.65 0.77
CA LYS A 109 -29.09 9.74 -0.38
C LYS A 109 -30.54 10.09 0.02
N LYS A 110 -30.96 9.73 1.25
CA LYS A 110 -32.28 10.08 1.78
C LYS A 110 -32.30 11.50 2.42
N GLU A 111 -31.17 12.24 2.41
CA GLU A 111 -31.14 13.58 3.00
C GLU A 111 -30.48 14.62 2.11
N VAL A 112 -29.25 14.37 1.66
CA VAL A 112 -28.51 15.29 0.81
C VAL A 112 -28.72 14.99 -0.69
N GLY A 113 -28.52 13.73 -1.05
CA GLY A 113 -28.65 13.28 -2.43
C GLY A 113 -27.50 12.35 -2.83
N ASP A 114 -27.04 12.46 -4.08
CA ASP A 114 -25.94 11.62 -4.56
C ASP A 114 -24.60 12.40 -4.47
N VAL A 115 -23.62 11.88 -3.72
CA VAL A 115 -22.33 12.56 -3.57
C VAL A 115 -21.60 12.72 -4.93
N THR A 116 -21.01 13.90 -5.20
CA THR A 116 -20.31 14.14 -6.47
C THR A 116 -18.79 14.30 -6.34
N ILE A 117 -18.28 14.50 -5.10
CA ILE A 117 -16.84 14.63 -4.81
C ILE A 117 -16.60 13.90 -3.50
N LEU A 118 -15.65 12.94 -3.48
CA LEU A 118 -15.33 12.20 -2.26
C LEU A 118 -13.92 12.55 -1.77
N VAL A 119 -13.77 12.79 -0.46
CA VAL A 119 -12.48 13.10 0.15
C VAL A 119 -12.22 12.05 1.22
N ASN A 120 -11.53 10.95 0.87
CA ASN A 120 -11.23 9.88 1.83
C ASN A 120 -10.04 10.29 2.69
N ASN A 121 -10.27 11.25 3.57
CA ASN A 121 -9.25 11.81 4.43
C ASN A 121 -8.92 10.91 5.62
N ALA A 122 -9.94 10.48 6.41
CA ALA A 122 -9.83 9.63 7.60
C ALA A 122 -8.63 8.70 7.64
N GLY A 123 -8.00 8.60 8.80
CA GLY A 123 -6.85 7.75 9.02
C GLY A 123 -6.57 7.52 10.50
N THR A 124 -5.78 6.46 10.79
CA THR A 124 -5.37 6.11 12.15
C THR A 124 -3.90 5.65 12.13
N VAL A 125 -3.15 6.00 13.18
CA VAL A 125 -1.74 5.64 13.27
C VAL A 125 -1.40 5.10 14.65
N TYR A 126 -0.56 4.06 14.70
CA TYR A 126 -0.12 3.45 15.94
C TYR A 126 1.38 3.29 15.85
N PRO A 127 2.14 4.39 16.03
CA PRO A 127 3.60 4.32 15.90
C PRO A 127 4.34 3.36 16.83
N ALA A 128 4.88 2.25 16.27
CA ALA A 128 5.66 1.24 17.01
C ALA A 128 6.46 0.32 16.06
N ASP A 129 7.52 -0.35 16.58
CA ASP A 129 8.28 -1.32 15.77
C ASP A 129 7.42 -2.56 15.52
N LEU A 130 7.71 -3.30 14.44
CA LEU A 130 6.89 -4.45 14.06
C LEU A 130 6.67 -5.45 15.18
N LEU A 131 7.57 -5.52 16.15
CA LEU A 131 7.44 -6.47 17.25
C LEU A 131 6.70 -5.93 18.48
N SER A 132 6.52 -4.59 18.57
CA SER A 132 5.76 -3.97 19.67
C SER A 132 4.34 -3.53 19.24
N THR A 133 4.04 -3.57 17.93
CA THR A 133 2.72 -3.22 17.41
C THR A 133 1.71 -4.30 17.79
N LYS A 134 0.50 -3.89 18.16
CA LYS A 134 -0.56 -4.82 18.51
C LYS A 134 -1.31 -5.26 17.24
N ASP A 135 -1.77 -6.51 17.19
CA ASP A 135 -2.49 -7.03 16.02
C ASP A 135 -3.74 -6.25 15.71
N GLU A 136 -4.43 -5.80 16.76
CA GLU A 136 -5.66 -5.01 16.66
C GLU A 136 -5.38 -3.67 15.99
N GLU A 137 -4.22 -3.07 16.30
CA GLU A 137 -3.74 -1.81 15.74
C GLU A 137 -3.52 -1.97 14.24
N ILE A 138 -2.92 -3.09 13.82
CA ILE A 138 -2.65 -3.37 12.42
C ILE A 138 -3.95 -3.52 11.65
N THR A 139 -4.90 -4.26 12.24
CA THR A 139 -6.22 -4.48 11.67
C THR A 139 -6.94 -3.13 11.51
N LYS A 140 -7.01 -2.30 12.58
CA LYS A 140 -7.65 -0.98 12.57
C LYS A 140 -6.97 -0.03 11.59
N THR A 141 -5.65 -0.16 11.41
CA THR A 141 -4.89 0.66 10.47
C THR A 141 -5.45 0.41 9.06
N PHE A 142 -5.49 -0.86 8.63
CA PHE A 142 -5.98 -1.21 7.32
C PHE A 142 -7.46 -0.98 7.14
N GLU A 143 -8.24 -1.19 8.19
CA GLU A 143 -9.68 -1.02 8.15
C GLU A 143 -10.11 0.40 7.82
N ILE A 144 -9.31 1.39 8.27
CA ILE A 144 -9.60 2.81 8.09
C ILE A 144 -8.87 3.43 6.89
N ASN A 145 -7.56 3.17 6.80
CA ASN A 145 -6.67 3.72 5.78
C ASN A 145 -6.88 3.21 4.36
N ILE A 146 -7.38 1.97 4.16
CA ILE A 146 -7.56 1.46 2.80
C ILE A 146 -8.87 0.61 2.61
N LEU A 147 -9.21 -0.28 3.55
CA LEU A 147 -10.44 -1.08 3.43
C LEU A 147 -11.67 -0.18 3.38
N GLY A 148 -11.67 0.84 4.24
CA GLY A 148 -12.74 1.83 4.33
C GLY A 148 -12.84 2.64 3.07
N HIS A 149 -11.69 2.97 2.43
CA HIS A 149 -11.66 3.71 1.17
C HIS A 149 -12.44 2.97 0.05
N PHE A 150 -12.39 1.63 0.07
CA PHE A 150 -13.05 0.84 -0.94
C PHE A 150 -14.55 0.96 -0.79
N TRP A 151 -15.08 0.81 0.44
CA TRP A 151 -16.53 0.86 0.65
C TRP A 151 -17.13 2.20 0.39
N ILE A 152 -16.42 3.30 0.71
CA ILE A 152 -16.99 4.63 0.45
C ILE A 152 -17.03 4.84 -1.05
N THR A 153 -15.88 4.68 -1.72
CA THR A 153 -15.71 4.77 -3.18
C THR A 153 -16.72 3.90 -3.96
N LYS A 154 -16.97 2.68 -3.45
CA LYS A 154 -17.88 1.68 -4.03
C LYS A 154 -19.35 2.07 -3.93
N ALA A 155 -19.73 2.79 -2.88
CA ALA A 155 -21.11 3.20 -2.68
C ALA A 155 -21.49 4.51 -3.42
N LEU A 156 -20.49 5.31 -3.82
CA LEU A 156 -20.75 6.59 -4.49
C LEU A 156 -20.46 6.56 -5.99
N LEU A 157 -19.54 5.68 -6.42
CA LEU A 157 -19.15 5.47 -7.82
C LEU A 157 -20.32 5.05 -8.72
N PRO A 158 -21.32 4.24 -8.28
CA PRO A 158 -22.43 3.92 -9.19
C PRO A 158 -23.16 5.15 -9.69
N SER A 159 -23.31 6.18 -8.83
CA SER A 159 -24.03 7.40 -9.26
C SER A 159 -23.15 8.30 -10.11
N MET A 160 -21.86 8.45 -9.74
CA MET A 160 -20.91 9.24 -10.52
C MET A 160 -20.71 8.65 -11.92
N ILE A 161 -20.87 7.31 -12.07
CA ILE A 161 -20.77 6.61 -13.35
C ILE A 161 -21.97 6.97 -14.26
N LYS A 162 -23.19 7.10 -13.69
CA LYS A 162 -24.40 7.46 -14.46
C LYS A 162 -24.22 8.87 -15.01
N ARG A 163 -23.80 9.81 -14.17
CA ARG A 163 -23.65 11.19 -14.56
C ARG A 163 -22.34 11.48 -15.27
N ASN A 164 -21.36 10.54 -15.28
CA ASN A 164 -20.01 10.68 -15.85
C ASN A 164 -19.37 11.96 -15.28
N HIS A 165 -19.54 12.19 -13.98
CA HIS A 165 -19.06 13.39 -13.33
C HIS A 165 -18.83 13.12 -11.87
N GLY A 166 -17.60 13.35 -11.43
CA GLY A 166 -17.19 13.16 -10.06
C GLY A 166 -15.72 13.44 -9.86
N HIS A 167 -15.19 13.07 -8.67
CA HIS A 167 -13.78 13.25 -8.33
C HIS A 167 -13.47 12.45 -7.07
N ILE A 168 -12.61 11.44 -7.20
CA ILE A 168 -12.25 10.64 -6.03
C ILE A 168 -10.90 11.05 -5.45
N VAL A 169 -10.94 11.73 -4.29
CA VAL A 169 -9.74 12.20 -3.60
C VAL A 169 -9.25 11.22 -2.54
N THR A 170 -8.12 10.57 -2.80
CA THR A 170 -7.53 9.62 -1.87
C THR A 170 -6.42 10.31 -1.05
N VAL A 171 -6.64 10.53 0.24
CA VAL A 171 -5.64 11.18 1.08
C VAL A 171 -4.66 10.15 1.68
N ALA A 172 -3.43 10.16 1.17
CA ALA A 172 -2.36 9.25 1.60
C ALA A 172 -1.14 10.12 2.12
N SER A 173 0.06 9.58 2.35
CA SER A 173 1.21 10.35 2.81
C SER A 173 2.44 9.98 1.96
N VAL A 174 3.60 10.62 2.21
CA VAL A 174 4.86 10.22 1.58
C VAL A 174 5.19 8.73 1.89
N CYS A 175 4.57 8.19 2.98
CA CYS A 175 4.59 6.80 3.46
C CYS A 175 3.81 5.83 2.51
N GLY A 176 3.41 6.34 1.34
CA GLY A 176 2.77 5.62 0.24
C GLY A 176 3.72 5.50 -0.95
N HIS A 177 4.83 6.25 -0.92
CA HIS A 177 5.88 6.25 -1.92
C HIS A 177 7.19 5.66 -1.36
N GLU A 178 7.39 5.71 -0.02
CA GLU A 178 8.58 5.15 0.63
C GLU A 178 8.39 4.96 2.16
N GLY A 179 8.70 3.76 2.66
CA GLY A 179 8.51 3.38 4.06
C GLY A 179 9.44 3.97 5.09
N ILE A 180 8.89 4.24 6.29
CA ILE A 180 9.65 4.82 7.40
C ILE A 180 9.67 3.90 8.65
N PRO A 181 10.71 3.95 9.53
CA PRO A 181 10.71 3.09 10.73
C PRO A 181 9.62 3.47 11.74
N TYR A 182 9.13 2.49 12.52
CA TYR A 182 8.05 2.60 13.52
C TYR A 182 6.65 2.67 12.89
N LEU A 183 6.56 3.06 11.60
CA LEU A 183 5.28 3.16 10.91
C LEU A 183 5.15 2.10 9.79
N ILE A 184 5.56 0.84 10.03
CA ILE A 184 5.44 -0.21 9.03
C ILE A 184 3.98 -0.57 8.77
N PRO A 185 3.09 -0.76 9.79
CA PRO A 185 1.68 -1.05 9.48
C PRO A 185 1.01 0.13 8.78
N TYR A 186 1.36 1.37 9.21
CA TYR A 186 0.82 2.60 8.65
C TYR A 186 1.30 2.82 7.21
N CYS A 187 2.59 2.64 6.96
CA CYS A 187 3.17 2.81 5.62
C CYS A 187 2.61 1.77 4.67
N SER A 188 2.37 0.55 5.16
CA SER A 188 1.82 -0.50 4.34
C SER A 188 0.42 -0.13 3.88
N SER A 189 -0.39 0.51 4.74
CA SER A 189 -1.75 0.93 4.38
C SER A 189 -1.73 2.19 3.50
N LYS A 190 -0.81 3.14 3.76
CA LYS A 190 -0.68 4.33 2.94
C LYS A 190 -0.22 3.96 1.52
N PHE A 191 0.67 2.97 1.38
CA PHE A 191 1.12 2.50 0.07
C PHE A 191 -0.07 1.91 -0.71
N ALA A 192 -0.95 1.18 0.00
CA ALA A 192 -2.16 0.58 -0.54
C ALA A 192 -3.12 1.65 -1.04
N ALA A 193 -3.23 2.77 -0.31
CA ALA A 193 -4.07 3.89 -0.68
C ALA A 193 -3.58 4.53 -1.99
N VAL A 194 -2.25 4.68 -2.14
CA VAL A 194 -1.63 5.23 -3.36
C VAL A 194 -1.83 4.29 -4.58
N GLY A 195 -1.86 3.00 -4.32
CA GLY A 195 -2.11 2.01 -5.35
C GLY A 195 -3.57 1.90 -5.73
N PHE A 196 -4.47 2.13 -4.77
CA PHE A 196 -5.90 2.12 -5.04
C PHE A 196 -6.23 3.29 -5.97
N HIS A 197 -5.64 4.47 -5.75
CA HIS A 197 -5.86 5.62 -6.63
C HIS A 197 -5.21 5.34 -7.99
N ARG A 198 -4.02 4.71 -8.02
CA ARG A 198 -3.37 4.41 -9.29
C ARG A 198 -4.15 3.41 -10.14
N GLY A 199 -4.83 2.47 -9.50
CA GLY A 199 -5.67 1.50 -10.19
C GLY A 199 -7.01 2.11 -10.58
N LEU A 200 -7.54 3.00 -9.73
CA LEU A 200 -8.79 3.69 -10.04
C LEU A 200 -8.58 4.59 -11.23
N THR A 201 -7.43 5.26 -11.32
CA THR A 201 -7.11 6.12 -12.44
C THR A 201 -6.90 5.31 -13.74
N SER A 202 -6.25 4.13 -13.68
CA SER A 202 -6.06 3.30 -14.88
C SER A 202 -7.37 2.65 -15.33
N GLU A 203 -8.19 2.17 -14.39
CA GLU A 203 -9.47 1.54 -14.71
C GLU A 203 -10.51 2.55 -15.17
N LEU A 204 -10.55 3.78 -14.58
CA LEU A 204 -11.48 4.81 -15.07
C LEU A 204 -11.17 5.13 -16.52
N GLN A 205 -9.88 5.28 -16.84
CA GLN A 205 -9.40 5.54 -18.19
C GLN A 205 -9.71 4.38 -19.15
N ALA A 206 -9.46 3.14 -18.72
CA ALA A 206 -9.71 1.96 -19.54
C ALA A 206 -11.17 1.72 -19.83
N LEU A 207 -12.08 2.18 -18.96
CA LEU A 207 -13.51 2.00 -19.18
C LEU A 207 -14.19 3.14 -19.98
N GLY A 208 -13.41 4.11 -20.45
CA GLY A 208 -13.94 5.23 -21.22
C GLY A 208 -14.47 6.38 -20.38
N ILE A 209 -14.34 6.29 -19.04
CA ILE A 209 -14.82 7.30 -18.11
C ILE A 209 -13.94 8.54 -18.06
N THR A 210 -14.46 9.64 -18.56
CA THR A 210 -13.72 10.89 -18.61
C THR A 210 -14.07 11.80 -17.45
N GLY A 211 -15.35 12.03 -17.24
CA GLY A 211 -15.89 12.92 -16.23
C GLY A 211 -15.47 12.69 -14.79
N ILE A 212 -15.02 11.47 -14.44
CA ILE A 212 -14.58 11.20 -13.08
C ILE A 212 -13.08 11.36 -12.96
N LYS A 213 -12.65 12.43 -12.31
CA LYS A 213 -11.22 12.69 -12.11
C LYS A 213 -10.74 12.07 -10.78
N THR A 214 -9.42 11.99 -10.56
CA THR A 214 -8.86 11.46 -9.32
C THR A 214 -7.68 12.29 -8.84
N SER A 215 -7.64 12.60 -7.55
CA SER A 215 -6.53 13.32 -6.94
C SER A 215 -6.06 12.57 -5.71
N CYS A 216 -4.75 12.58 -5.43
CA CYS A 216 -4.20 11.88 -4.29
C CYS A 216 -3.31 12.83 -3.52
N LEU A 217 -3.65 13.16 -2.28
CA LEU A 217 -2.82 14.06 -1.48
C LEU A 217 -1.70 13.29 -0.74
N CYS A 218 -0.43 13.61 -1.03
CA CYS A 218 0.73 12.95 -0.43
C CYS A 218 1.66 13.96 0.29
N PRO A 219 1.30 14.44 1.50
CA PRO A 219 2.18 15.39 2.19
C PRO A 219 3.20 14.75 3.13
N VAL A 220 4.14 15.55 3.67
CA VAL A 220 5.14 15.07 4.64
C VAL A 220 4.57 15.26 6.09
N PHE A 221 5.35 15.64 7.14
CA PHE A 221 4.76 15.82 8.46
C PHE A 221 3.87 17.04 8.49
N VAL A 222 2.63 16.86 8.92
CA VAL A 222 1.71 17.96 9.08
C VAL A 222 1.48 18.12 10.58
N ASN A 223 1.61 19.36 11.08
CA ASN A 223 1.42 19.68 12.48
C ASN A 223 -0.07 19.58 12.86
N THR A 224 -0.57 18.36 13.12
CA THR A 224 -1.99 18.17 13.48
C THR A 224 -2.19 17.45 14.81
N GLY A 225 -1.16 16.78 15.29
CA GLY A 225 -1.28 15.98 16.50
C GLY A 225 -1.58 14.52 16.22
N PHE A 226 -1.59 14.13 14.93
CA PHE A 226 -1.80 12.77 14.42
C PHE A 226 -0.72 11.87 15.10
N THR A 227 0.52 12.32 15.06
CA THR A 227 1.62 11.70 15.81
C THR A 227 2.24 12.88 16.66
N LYS A 228 3.35 12.62 17.38
CA LYS A 228 3.98 13.70 18.15
C LYS A 228 5.00 14.49 17.30
N ASN A 229 6.08 13.85 16.86
CA ASN A 229 7.14 14.51 16.10
C ASN A 229 7.39 13.79 14.75
N PRO A 230 7.95 14.50 13.74
CA PRO A 230 8.24 13.85 12.45
C PRO A 230 9.34 12.79 12.51
N SER A 231 9.42 11.94 11.49
CA SER A 231 10.43 10.88 11.44
C SER A 231 11.83 11.34 11.00
N THR A 232 11.94 12.36 10.12
CA THR A 232 13.26 12.79 9.63
C THR A 232 13.47 14.32 9.59
N ARG A 233 14.76 14.75 9.62
CA ARG A 233 15.17 16.15 9.58
C ARG A 233 15.41 16.62 8.13
N PRO A 236 10.54 19.37 6.55
CA PRO A 236 9.64 20.46 6.97
C PRO A 236 8.37 19.98 7.66
N VAL A 237 7.84 20.81 8.58
CA VAL A 237 6.60 20.47 9.24
C VAL A 237 5.54 21.45 8.79
N LEU A 238 4.77 20.97 7.82
CA LEU A 238 3.68 21.66 7.18
C LEU A 238 2.62 22.00 8.18
N GLU A 239 1.92 23.12 7.95
CA GLU A 239 0.84 23.51 8.83
C GLU A 239 -0.49 22.87 8.41
N THR A 240 -1.49 22.86 9.30
CA THR A 240 -2.81 22.30 9.00
C THR A 240 -3.47 22.98 7.81
N ASP A 241 -3.39 24.32 7.74
CA ASP A 241 -4.01 25.10 6.68
C ASP A 241 -3.26 25.10 5.36
N THR A 242 -1.93 25.02 5.41
CA THR A 242 -1.10 25.03 4.21
C THR A 242 -1.38 23.81 3.33
N VAL A 243 -1.55 22.66 3.96
CA VAL A 243 -1.85 21.39 3.30
C VAL A 243 -3.24 21.42 2.66
N ALA A 244 -4.21 22.07 3.33
CA ALA A 244 -5.58 22.20 2.85
C ALA A 244 -5.63 23.06 1.59
N ARG A 245 -4.80 24.11 1.53
CA ARG A 245 -4.70 24.99 0.36
C ARG A 245 -4.11 24.21 -0.82
N SER A 246 -3.14 23.31 -0.56
CA SER A 246 -2.53 22.49 -1.60
C SER A 246 -3.56 21.48 -2.14
N LEU A 247 -4.42 20.94 -1.27
CA LEU A 247 -5.45 19.99 -1.68
C LEU A 247 -6.55 20.71 -2.44
N ILE A 248 -6.98 21.90 -1.97
CA ILE A 248 -8.03 22.64 -2.70
C ILE A 248 -7.53 23.08 -4.07
N ASP A 249 -6.21 23.37 -4.22
CA ASP A 249 -5.67 23.79 -5.51
C ASP A 249 -5.40 22.61 -6.46
N GLY A 250 -5.19 21.42 -5.92
CA GLY A 250 -4.94 20.22 -6.71
C GLY A 250 -6.21 19.61 -7.25
N ILE A 251 -7.31 19.72 -6.50
CA ILE A 251 -8.61 19.22 -6.93
C ILE A 251 -9.15 20.11 -8.06
N LEU A 252 -8.95 21.43 -7.96
CA LEU A 252 -9.38 22.41 -8.95
C LEU A 252 -8.62 22.33 -10.27
N THR A 253 -7.37 21.88 -10.26
CA THR A 253 -6.63 21.69 -11.51
C THR A 253 -6.63 20.19 -11.96
N ASN A 254 -7.27 19.28 -11.17
CA ASN A 254 -7.42 17.85 -11.44
C ASN A 254 -6.08 17.13 -11.50
N LYS A 255 -5.15 17.47 -10.58
CA LYS A 255 -3.84 16.82 -10.56
C LYS A 255 -3.90 15.46 -9.88
N LYS A 256 -3.29 14.46 -10.50
CA LYS A 256 -3.30 13.09 -10.00
C LYS A 256 -2.51 12.91 -8.72
N MET A 257 -1.34 13.57 -8.60
CA MET A 257 -0.49 13.41 -7.42
C MET A 257 -0.16 14.75 -6.77
N ILE A 258 -0.78 15.03 -5.64
CA ILE A 258 -0.56 16.26 -4.91
C ILE A 258 0.50 16.09 -3.82
N PHE A 259 1.77 16.26 -4.18
CA PHE A 259 2.88 16.15 -3.23
C PHE A 259 2.98 17.43 -2.42
N VAL A 260 3.09 17.32 -1.09
CA VAL A 260 3.20 18.51 -0.25
C VAL A 260 4.45 18.45 0.64
N PRO A 261 5.45 19.35 0.50
CA PRO A 261 5.62 20.40 -0.51
C PRO A 261 6.25 19.80 -1.75
N SER A 262 5.60 20.03 -2.92
CA SER A 262 5.84 19.54 -4.28
C SER A 262 7.23 19.00 -4.59
N TYR A 263 8.32 19.64 -4.09
CA TYR A 263 9.68 19.20 -4.37
C TYR A 263 9.96 17.76 -3.98
N ILE A 264 9.16 17.17 -3.08
CA ILE A 264 9.35 15.78 -2.66
C ILE A 264 9.23 14.77 -3.85
N ASN A 265 8.87 15.25 -5.05
CA ASN A 265 8.80 14.45 -6.26
C ASN A 265 10.21 14.21 -6.76
N ILE A 266 11.08 15.24 -6.75
CA ILE A 266 12.46 15.06 -7.21
C ILE A 266 13.26 14.18 -6.27
N PHE A 267 12.92 14.16 -4.97
CA PHE A 267 13.59 13.29 -4.00
C PHE A 267 13.29 11.83 -4.27
N LEU A 268 12.07 11.52 -4.71
CA LEU A 268 11.69 10.16 -5.05
C LEU A 268 12.35 9.68 -6.34
N ILE A 269 12.69 10.61 -7.25
CA ILE A 269 13.38 10.32 -8.49
C ILE A 269 14.80 9.83 -8.16
N LEU A 270 15.50 10.56 -7.28
CA LEU A 270 16.86 10.24 -6.84
C LEU A 270 16.94 8.90 -6.08
N ASP A 271 15.82 8.44 -5.52
CA ASP A 271 15.76 7.15 -4.81
C ASP A 271 15.97 5.98 -5.79
N LYS A 272 15.53 6.14 -7.06
CA LYS A 272 15.70 5.10 -8.07
C LYS A 272 17.05 5.23 -8.81
N PHE A 273 18.13 5.54 -8.07
CA PHE A 273 19.52 5.67 -8.54
C PHE A 273 20.48 5.24 -7.41
N LEU A 274 20.84 3.94 -7.31
CA LEU A 274 21.73 3.49 -6.24
C LEU A 274 23.09 2.96 -6.73
N VAL B 26 28.30 -6.54 -14.18
CA VAL B 26 28.88 -7.47 -15.14
C VAL B 26 30.40 -7.66 -14.93
N PHE B 27 31.18 -6.55 -14.86
CA PHE B 27 32.64 -6.55 -14.66
C PHE B 27 33.03 -7.22 -13.30
N PHE B 28 32.53 -6.68 -12.17
CA PHE B 28 32.74 -7.25 -10.85
C PHE B 28 31.34 -7.44 -10.24
N PRO B 29 30.66 -8.56 -10.57
CA PRO B 29 29.26 -8.73 -10.14
C PRO B 29 29.04 -9.32 -8.75
N ARG B 30 27.88 -8.95 -8.17
CA ARG B 30 27.38 -9.26 -6.84
C ARG B 30 27.79 -10.63 -6.27
N LYS B 31 28.08 -10.63 -4.96
CA LYS B 31 28.52 -11.81 -4.22
C LYS B 31 27.37 -12.79 -3.95
N ARG B 32 27.46 -14.00 -4.52
CA ARG B 32 26.47 -15.06 -4.32
C ARG B 32 26.77 -15.81 -3.02
N LYS B 33 25.76 -15.92 -2.15
CA LYS B 33 25.92 -16.61 -0.87
C LYS B 33 25.37 -18.06 -0.94
N SER B 34 25.51 -18.82 0.16
CA SER B 34 24.99 -20.18 0.22
C SER B 34 23.78 -20.24 1.17
N VAL B 35 22.73 -20.92 0.76
CA VAL B 35 21.55 -21.11 1.61
C VAL B 35 21.40 -22.59 2.03
N ALA B 36 22.54 -23.32 2.13
CA ALA B 36 22.57 -24.73 2.48
C ALA B 36 22.40 -24.91 3.98
N GLY B 37 21.46 -25.77 4.36
CA GLY B 37 21.15 -26.07 5.75
C GLY B 37 20.29 -25.04 6.46
N GLU B 38 19.69 -24.08 5.71
CA GLU B 38 18.87 -23.04 6.31
C GLU B 38 17.41 -23.49 6.41
N ILE B 39 16.64 -22.90 7.34
CA ILE B 39 15.23 -23.24 7.47
C ILE B 39 14.42 -22.29 6.61
N VAL B 40 13.97 -22.77 5.44
CA VAL B 40 13.22 -21.93 4.52
C VAL B 40 11.75 -22.26 4.53
N LEU B 41 10.93 -21.31 5.00
CA LEU B 41 9.48 -21.48 5.01
C LEU B 41 8.94 -20.84 3.76
N ILE B 42 8.08 -21.53 2.99
CA ILE B 42 7.49 -20.97 1.78
C ILE B 42 5.95 -21.09 1.78
N THR B 43 5.24 -19.97 1.98
CA THR B 43 3.79 -20.00 1.99
C THR B 43 3.26 -19.98 0.55
N GLY B 44 2.19 -20.70 0.29
CA GLY B 44 1.63 -20.78 -1.05
C GLY B 44 2.55 -21.57 -1.98
N ALA B 45 3.12 -22.66 -1.44
CA ALA B 45 4.06 -23.50 -2.16
C ALA B 45 3.47 -24.78 -2.75
N GLY B 46 2.16 -24.79 -2.96
CA GLY B 46 1.50 -25.95 -3.57
C GLY B 46 1.48 -25.93 -5.09
N HIS B 47 1.77 -24.75 -5.69
CA HIS B 47 1.77 -24.58 -7.13
C HIS B 47 2.40 -23.26 -7.53
N GLY B 48 2.82 -23.19 -8.79
CA GLY B 48 3.36 -22.01 -9.44
C GLY B 48 4.67 -21.48 -8.90
N ILE B 49 4.70 -20.16 -8.60
CA ILE B 49 5.89 -19.48 -8.08
C ILE B 49 6.33 -20.06 -6.74
N GLY B 50 5.38 -20.53 -5.93
CA GLY B 50 5.72 -21.14 -4.65
C GLY B 50 6.29 -22.52 -4.78
N ARG B 51 5.72 -23.33 -5.68
CA ARG B 51 6.12 -24.71 -5.94
C ARG B 51 7.50 -24.74 -6.55
N TRP B 52 7.77 -23.87 -7.51
CA TRP B 52 9.07 -23.85 -8.19
C TRP B 52 10.16 -23.15 -7.35
N THR B 53 9.78 -22.40 -6.31
CA THR B 53 10.73 -21.83 -5.37
C THR B 53 11.22 -22.95 -4.44
N ALA B 54 10.29 -23.82 -3.99
CA ALA B 54 10.64 -24.99 -3.18
C ALA B 54 11.52 -25.95 -3.99
N TYR B 55 11.36 -26.01 -5.33
CA TYR B 55 12.22 -26.86 -6.17
C TYR B 55 13.63 -26.25 -6.20
N GLU B 56 13.72 -24.91 -6.33
CA GLU B 56 15.02 -24.22 -6.39
C GLU B 56 15.77 -24.27 -5.07
N PHE B 57 15.05 -24.19 -3.96
CA PHE B 57 15.68 -24.29 -2.64
C PHE B 57 16.15 -25.71 -2.36
N ALA B 58 15.40 -26.72 -2.83
CA ALA B 58 15.80 -28.13 -2.71
C ALA B 58 17.11 -28.40 -3.48
N LYS B 59 17.36 -27.63 -4.55
CA LYS B 59 18.60 -27.73 -5.33
C LYS B 59 19.79 -27.17 -4.51
N GLN B 60 19.53 -26.12 -3.70
CA GLN B 60 20.52 -25.45 -2.83
C GLN B 60 20.81 -26.18 -1.52
N LYS B 61 20.26 -27.38 -1.32
CA LYS B 61 20.42 -28.22 -0.14
C LYS B 61 19.94 -27.52 1.15
N SER B 62 18.69 -27.03 1.14
CA SER B 62 18.10 -26.35 2.31
C SER B 62 17.15 -27.27 3.09
N ARG B 63 16.88 -26.93 4.36
CA ARG B 63 15.89 -27.66 5.17
C ARG B 63 14.59 -26.90 4.89
N LEU B 64 13.60 -27.54 4.24
CA LEU B 64 12.38 -26.84 3.80
C LEU B 64 11.11 -27.09 4.65
N VAL B 65 10.26 -26.05 4.75
CA VAL B 65 8.98 -26.02 5.48
C VAL B 65 7.95 -25.42 4.53
N LEU B 66 6.93 -26.19 4.12
CA LEU B 66 5.93 -25.65 3.20
C LEU B 66 4.55 -25.47 3.83
N TRP B 67 3.91 -24.34 3.49
CA TRP B 67 2.56 -23.97 3.97
C TRP B 67 1.62 -23.73 2.81
N ASP B 68 0.38 -24.22 2.90
CA ASP B 68 -0.64 -24.05 1.84
C ASP B 68 -2.03 -24.53 2.30
N ILE B 69 -3.09 -24.14 1.60
CA ILE B 69 -4.45 -24.60 1.91
C ILE B 69 -4.75 -25.92 1.16
N ASN B 70 -4.07 -26.15 0.02
CA ASN B 70 -4.21 -27.32 -0.85
C ASN B 70 -3.32 -28.39 -0.32
N LYS B 71 -3.89 -29.34 0.44
CA LYS B 71 -3.10 -30.42 1.01
C LYS B 71 -2.38 -31.26 -0.05
N HIS B 72 -3.08 -31.62 -1.13
CA HIS B 72 -2.56 -32.43 -2.23
C HIS B 72 -1.41 -31.75 -2.98
N GLY B 73 -1.59 -30.47 -3.31
CA GLY B 73 -0.63 -29.68 -4.06
C GLY B 73 0.68 -29.48 -3.34
N VAL B 74 0.61 -29.08 -2.06
CA VAL B 74 1.80 -28.88 -1.23
C VAL B 74 2.51 -30.21 -0.90
N GLU B 75 1.75 -31.31 -0.82
CA GLU B 75 2.34 -32.63 -0.57
C GLU B 75 3.09 -33.11 -1.80
N GLU B 76 2.57 -32.82 -2.99
CA GLU B 76 3.23 -33.21 -4.24
C GLU B 76 4.48 -32.37 -4.51
N THR B 77 4.50 -31.10 -4.04
CA THR B 77 5.69 -30.26 -4.19
C THR B 77 6.77 -30.83 -3.28
N ALA B 78 6.41 -31.16 -2.02
CA ALA B 78 7.30 -31.77 -1.04
C ALA B 78 7.81 -33.09 -1.56
N ALA B 79 6.97 -33.87 -2.27
CA ALA B 79 7.39 -35.14 -2.84
C ALA B 79 8.47 -34.92 -3.89
N GLU B 80 8.35 -33.92 -4.79
CA GLU B 80 9.38 -33.66 -5.79
C GLU B 80 10.61 -32.96 -5.17
N CYS B 81 10.44 -32.26 -4.05
CA CYS B 81 11.55 -31.65 -3.33
C CYS B 81 12.35 -32.71 -2.58
N ARG B 82 11.68 -33.77 -2.10
CA ARG B 82 12.31 -34.93 -1.45
C ARG B 82 13.10 -35.72 -2.49
N LYS B 83 12.53 -35.89 -3.71
CA LYS B 83 13.21 -36.57 -4.81
C LYS B 83 14.49 -35.83 -5.29
N LEU B 84 14.78 -34.65 -4.73
CA LEU B 84 15.98 -33.86 -5.00
C LEU B 84 17.03 -33.98 -3.86
N GLY B 85 16.61 -34.41 -2.67
CA GLY B 85 17.50 -34.59 -1.54
C GLY B 85 17.23 -33.69 -0.35
N ALA B 86 16.30 -32.75 -0.47
CA ALA B 86 15.98 -31.82 0.61
C ALA B 86 15.10 -32.45 1.70
N THR B 87 15.08 -31.86 2.91
CA THR B 87 14.20 -32.35 3.98
C THR B 87 12.99 -31.42 4.09
N VAL B 88 11.88 -31.85 3.53
CA VAL B 88 10.69 -31.04 3.48
C VAL B 88 9.63 -31.51 4.45
N HIS B 89 9.06 -30.56 5.20
CA HIS B 89 7.99 -30.80 6.15
C HIS B 89 6.83 -29.88 5.77
N THR B 90 5.66 -30.46 5.55
CA THR B 90 4.48 -29.70 5.13
C THR B 90 3.46 -29.50 6.23
N PHE B 91 2.74 -28.37 6.18
CA PHE B 91 1.69 -28.04 7.12
C PHE B 91 0.58 -27.36 6.35
N VAL B 92 -0.67 -27.83 6.48
CA VAL B 92 -1.80 -27.18 5.83
C VAL B 92 -2.21 -25.98 6.68
N VAL B 93 -1.85 -24.77 6.23
CA VAL B 93 -2.10 -23.54 6.98
C VAL B 93 -2.86 -22.51 6.17
N ASP B 94 -3.94 -21.97 6.71
CA ASP B 94 -4.68 -20.89 6.06
C ASP B 94 -3.82 -19.65 6.30
N CYS B 95 -2.96 -19.30 5.33
CA CYS B 95 -2.01 -18.19 5.45
C CYS B 95 -2.64 -16.78 5.38
N GLY B 96 -3.93 -16.70 5.67
CA GLY B 96 -4.69 -15.46 5.76
C GLY B 96 -5.27 -15.28 7.15
N ASN B 97 -5.49 -16.41 7.88
CA ASN B 97 -6.04 -16.50 9.24
C ASN B 97 -4.93 -16.38 10.27
N ARG B 98 -5.00 -15.33 11.08
CA ARG B 98 -4.03 -14.96 12.11
C ARG B 98 -3.88 -16.00 13.21
N GLU B 99 -5.00 -16.52 13.73
CA GLU B 99 -4.93 -17.54 14.77
C GLU B 99 -4.43 -18.90 14.25
N ASP B 100 -4.61 -19.18 12.95
CA ASP B 100 -4.11 -20.43 12.35
C ASP B 100 -2.61 -20.29 12.13
N ILE B 101 -2.16 -19.13 11.62
CA ILE B 101 -0.74 -18.87 11.37
C ILE B 101 0.07 -19.01 12.68
N TYR B 102 -0.37 -18.35 13.76
CA TYR B 102 0.29 -18.41 15.07
C TYR B 102 0.27 -19.82 15.67
N ASN B 103 -0.82 -20.52 15.47
CA ASN B 103 -0.96 -21.89 15.94
C ASN B 103 0.04 -22.80 15.24
N SER B 104 0.24 -22.61 13.94
CA SER B 104 1.17 -23.41 13.14
C SER B 104 2.63 -23.00 13.31
N VAL B 105 2.90 -21.75 13.74
CA VAL B 105 4.27 -21.29 14.00
C VAL B 105 4.80 -22.09 15.21
N LYS B 106 3.97 -22.26 16.25
CA LYS B 106 4.34 -23.05 17.41
C LYS B 106 4.58 -24.53 17.06
N GLN B 107 3.89 -25.06 16.04
CA GLN B 107 4.11 -26.42 15.56
C GLN B 107 5.40 -26.50 14.74
N VAL B 108 5.75 -25.41 14.03
CA VAL B 108 6.97 -25.31 13.26
C VAL B 108 8.16 -25.33 14.25
N LYS B 109 8.05 -24.65 15.39
CA LYS B 109 9.11 -24.63 16.38
C LYS B 109 9.18 -25.95 17.20
N LYS B 110 8.03 -26.63 17.33
CA LYS B 110 7.96 -27.92 18.02
C LYS B 110 8.31 -29.10 17.06
N GLU B 111 8.64 -28.83 15.78
CA GLU B 111 8.99 -29.91 14.85
C GLU B 111 10.26 -29.64 14.03
N VAL B 112 10.33 -28.51 13.35
CA VAL B 112 11.47 -28.15 12.53
C VAL B 112 12.49 -27.29 13.31
N GLY B 113 12.00 -26.24 13.97
CA GLY B 113 12.83 -25.33 14.77
C GLY B 113 12.48 -23.88 14.53
N ASP B 114 13.47 -22.99 14.53
CA ASP B 114 13.23 -21.55 14.30
C ASP B 114 13.48 -21.18 12.83
N VAL B 115 12.46 -20.70 12.09
CA VAL B 115 12.63 -20.39 10.67
C VAL B 115 13.71 -19.31 10.43
N THR B 116 14.60 -19.51 9.42
CA THR B 116 15.68 -18.57 9.12
C THR B 116 15.52 -17.81 7.81
N ILE B 117 14.60 -18.24 6.92
CA ILE B 117 14.31 -17.59 5.64
C ILE B 117 12.81 -17.70 5.43
N LEU B 118 12.12 -16.59 5.19
CA LEU B 118 10.68 -16.60 4.95
C LEU B 118 10.36 -16.20 3.52
N VAL B 119 9.47 -16.94 2.86
CA VAL B 119 9.04 -16.64 1.50
C VAL B 119 7.52 -16.43 1.51
N ASN B 120 7.09 -15.16 1.68
CA ASN B 120 5.68 -14.75 1.69
C ASN B 120 5.18 -14.79 0.24
N ASN B 121 4.97 -15.99 -0.31
CA ASN B 121 4.54 -16.17 -1.68
C ASN B 121 3.04 -16.07 -1.83
N ALA B 122 2.26 -16.87 -1.05
CA ALA B 122 0.79 -16.95 -1.05
C ALA B 122 0.08 -15.67 -1.49
N GLY B 123 -0.95 -15.85 -2.31
CA GLY B 123 -1.76 -14.76 -2.83
C GLY B 123 -3.08 -15.23 -3.39
N THR B 124 -4.03 -14.29 -3.53
CA THR B 124 -5.35 -14.54 -4.11
C THR B 124 -5.75 -13.35 -4.99
N VAL B 125 -6.43 -13.62 -6.11
CA VAL B 125 -6.86 -12.58 -7.04
C VAL B 125 -8.30 -12.78 -7.46
N TYR B 126 -9.07 -11.71 -7.59
CA TYR B 126 -10.45 -11.78 -8.03
C TYR B 126 -10.65 -10.73 -9.10
N PRO B 127 -10.19 -11.01 -10.33
CA PRO B 127 -10.25 -9.98 -11.39
C PRO B 127 -11.63 -9.44 -11.75
N ALA B 128 -11.93 -8.17 -11.40
CA ALA B 128 -13.20 -7.49 -11.70
C ALA B 128 -13.11 -5.97 -11.51
N ASP B 129 -14.03 -5.20 -12.14
CA ASP B 129 -14.04 -3.74 -11.95
C ASP B 129 -14.53 -3.42 -10.54
N LEU B 130 -14.18 -2.23 -10.02
CA LEU B 130 -14.52 -1.88 -8.63
C LEU B 130 -15.98 -2.02 -8.28
N LEU B 131 -16.87 -1.95 -9.28
CA LEU B 131 -18.30 -2.06 -9.02
C LEU B 131 -18.84 -3.49 -9.11
N SER B 132 -18.08 -4.42 -9.73
CA SER B 132 -18.48 -5.83 -9.82
C SER B 132 -17.74 -6.73 -8.84
N THR B 133 -16.71 -6.21 -8.14
CA THR B 133 -15.96 -6.96 -7.13
C THR B 133 -16.81 -7.17 -5.90
N LYS B 134 -16.74 -8.34 -5.31
CA LYS B 134 -17.51 -8.66 -4.11
C LYS B 134 -16.73 -8.21 -2.86
N ASP B 135 -17.41 -7.75 -1.81
CA ASP B 135 -16.75 -7.28 -0.60
C ASP B 135 -15.91 -8.33 0.06
N GLU B 136 -16.37 -9.58 0.01
CA GLU B 136 -15.71 -10.75 0.57
C GLU B 136 -14.37 -11.00 -0.15
N GLU B 137 -14.35 -10.78 -1.48
CA GLU B 137 -13.18 -10.92 -2.32
C GLU B 137 -12.14 -9.89 -1.92
N ILE B 138 -12.56 -8.63 -1.67
CA ILE B 138 -11.67 -7.55 -1.24
C ILE B 138 -11.03 -7.87 0.09
N THR B 139 -11.85 -8.36 1.04
CA THR B 139 -11.43 -8.74 2.37
C THR B 139 -10.40 -9.87 2.27
N LYS B 140 -10.71 -10.97 1.53
CA LYS B 140 -9.81 -12.11 1.32
C LYS B 140 -8.53 -11.71 0.60
N THR B 141 -8.60 -10.73 -0.30
CA THR B 141 -7.43 -10.21 -1.03
C THR B 141 -6.43 -9.65 0.00
N PHE B 142 -6.88 -8.73 0.85
CA PHE B 142 -6.03 -8.11 1.84
C PHE B 142 -5.59 -9.06 2.93
N GLU B 143 -6.47 -9.99 3.31
CA GLU B 143 -6.19 -10.96 4.36
C GLU B 143 -5.03 -11.87 4.03
N ILE B 144 -4.84 -12.20 2.74
CA ILE B 144 -3.79 -13.09 2.26
C ILE B 144 -2.56 -12.36 1.75
N ASN B 145 -2.77 -11.35 0.89
CA ASN B 145 -1.72 -10.58 0.24
C ASN B 145 -0.91 -9.65 1.13
N ILE B 146 -1.47 -9.15 2.25
CA ILE B 146 -0.70 -8.24 3.12
C ILE B 146 -0.96 -8.43 4.63
N LEU B 147 -2.21 -8.64 5.08
CA LEU B 147 -2.48 -8.87 6.51
C LEU B 147 -1.76 -10.14 7.00
N GLY B 148 -1.81 -11.19 6.18
CA GLY B 148 -1.16 -12.45 6.48
C GLY B 148 0.34 -12.31 6.51
N HIS B 149 0.90 -11.42 5.66
CA HIS B 149 2.32 -11.11 5.60
C HIS B 149 2.84 -10.44 6.87
N PHE B 150 1.98 -9.84 7.68
CA PHE B 150 2.36 -9.22 8.92
C PHE B 150 2.47 -10.30 9.99
N TRP B 151 1.49 -11.20 10.08
CA TRP B 151 1.51 -12.23 11.12
C TRP B 151 2.60 -13.24 10.97
N ILE B 152 2.89 -13.70 9.74
CA ILE B 152 3.96 -14.68 9.57
C ILE B 152 5.30 -14.03 9.88
N THR B 153 5.52 -12.80 9.40
CA THR B 153 6.78 -12.09 9.65
C THR B 153 6.97 -11.75 11.12
N LYS B 154 5.88 -11.35 11.79
CA LYS B 154 5.82 -10.98 13.20
C LYS B 154 6.14 -12.13 14.12
N ALA B 155 5.76 -13.35 13.70
CA ALA B 155 6.02 -14.55 14.50
C ALA B 155 7.41 -15.18 14.20
N LEU B 156 7.95 -14.99 12.97
CA LEU B 156 9.25 -15.55 12.64
C LEU B 156 10.42 -14.60 12.91
N LEU B 157 10.14 -13.29 13.01
CA LEU B 157 11.13 -12.23 13.28
C LEU B 157 11.87 -12.30 14.64
N PRO B 158 11.25 -12.60 15.81
CA PRO B 158 12.01 -12.53 17.08
C PRO B 158 13.27 -13.38 17.14
N SER B 159 13.21 -14.64 16.71
CA SER B 159 14.37 -15.52 16.71
C SER B 159 15.41 -15.01 15.72
N MET B 160 14.98 -14.48 14.57
CA MET B 160 15.89 -13.92 13.58
C MET B 160 16.62 -12.70 14.17
N ILE B 161 15.87 -11.85 14.89
CA ILE B 161 16.39 -10.66 15.56
C ILE B 161 17.47 -11.08 16.58
N LYS B 162 17.21 -12.14 17.33
CA LYS B 162 18.11 -12.67 18.35
C LYS B 162 19.40 -13.15 17.71
N ARG B 163 19.29 -13.93 16.64
CA ARG B 163 20.44 -14.49 15.96
C ARG B 163 21.12 -13.54 14.98
N ASN B 164 20.49 -12.38 14.69
CA ASN B 164 20.94 -11.38 13.71
C ASN B 164 21.22 -12.06 12.36
N HIS B 165 20.33 -12.99 11.97
CA HIS B 165 20.49 -13.74 10.76
C HIS B 165 19.13 -14.21 10.27
N GLY B 166 18.80 -13.81 9.04
CA GLY B 166 17.56 -14.16 8.40
C GLY B 166 17.42 -13.53 7.02
N HIS B 167 16.22 -13.62 6.44
CA HIS B 167 15.92 -13.05 5.13
C HIS B 167 14.41 -13.05 4.90
N ILE B 168 13.80 -11.86 4.83
CA ILE B 168 12.36 -11.78 4.61
C ILE B 168 12.02 -11.50 3.15
N VAL B 169 11.53 -12.53 2.45
CA VAL B 169 11.16 -12.44 1.05
C VAL B 169 9.68 -12.13 0.86
N THR B 170 9.37 -10.92 0.41
CA THR B 170 8.01 -10.49 0.16
C THR B 170 7.68 -10.63 -1.32
N VAL B 171 6.80 -11.59 -1.68
CA VAL B 171 6.43 -11.79 -3.08
C VAL B 171 5.25 -10.90 -3.48
N ALA B 172 5.54 -9.88 -4.27
CA ALA B 172 4.55 -8.93 -4.76
C ALA B 172 4.54 -8.97 -6.35
N SER B 173 3.83 -8.05 -7.05
CA SER B 173 3.78 -8.03 -8.50
C SER B 173 4.16 -6.61 -8.99
N VAL B 174 4.26 -6.38 -10.33
CA VAL B 174 4.45 -5.00 -10.85
C VAL B 174 3.23 -4.09 -10.52
N CYS B 175 2.12 -4.72 -10.02
CA CYS B 175 0.89 -4.16 -9.45
C CYS B 175 1.13 -3.58 -8.02
N GLY B 176 2.39 -3.51 -7.59
CA GLY B 176 2.88 -2.91 -6.36
C GLY B 176 3.65 -1.62 -6.64
N HIS B 177 3.97 -1.37 -7.92
CA HIS B 177 4.64 -0.20 -8.43
C HIS B 177 3.72 0.65 -9.31
N GLU B 178 2.67 0.05 -9.92
CA GLU B 178 1.70 0.77 -10.75
C GLU B 178 0.40 -0.05 -10.97
N GLY B 179 -0.75 0.57 -10.74
CA GLY B 179 -2.06 -0.08 -10.83
C GLY B 179 -2.59 -0.40 -12.21
N ILE B 180 -3.29 -1.55 -12.34
CA ILE B 180 -3.85 -2.01 -13.60
C ILE B 180 -5.40 -2.15 -13.53
N PRO B 181 -6.15 -2.00 -14.65
CA PRO B 181 -7.62 -2.12 -14.57
C PRO B 181 -8.07 -3.55 -14.26
N TYR B 182 -9.24 -3.70 -13.62
CA TYR B 182 -9.86 -4.96 -13.16
C TYR B 182 -9.18 -5.54 -11.90
N LEU B 183 -7.94 -5.14 -11.62
CA LEU B 183 -7.23 -5.60 -10.45
C LEU B 183 -6.98 -4.49 -9.41
N ILE B 184 -8.00 -3.62 -9.15
CA ILE B 184 -7.84 -2.55 -8.15
C ILE B 184 -7.71 -3.11 -6.73
N PRO B 185 -8.54 -4.08 -6.28
CA PRO B 185 -8.34 -4.61 -4.92
C PRO B 185 -7.00 -5.35 -4.80
N TYR B 186 -6.61 -6.06 -5.86
CA TYR B 186 -5.36 -6.81 -5.91
C TYR B 186 -4.15 -5.89 -5.95
N CYS B 187 -4.19 -4.84 -6.78
CA CYS B 187 -3.09 -3.88 -6.88
C CYS B 187 -2.92 -3.12 -5.59
N SER B 188 -4.04 -2.80 -4.91
CA SER B 188 -3.98 -2.11 -3.65
C SER B 188 -3.26 -2.95 -2.60
N SER B 189 -3.48 -4.29 -2.60
CA SER B 189 -2.80 -5.17 -1.67
C SER B 189 -1.35 -5.42 -2.07
N LYS B 190 -1.06 -5.54 -3.36
CA LYS B 190 0.31 -5.73 -3.82
C LYS B 190 1.16 -4.49 -3.55
N PHE B 191 0.57 -3.29 -3.65
CA PHE B 191 1.28 -2.03 -3.34
C PHE B 191 1.64 -2.02 -1.85
N ALA B 192 0.72 -2.51 -0.99
CA ALA B 192 0.90 -2.62 0.45
C ALA B 192 2.02 -3.57 0.78
N ALA B 193 2.14 -4.67 0.03
CA ALA B 193 3.20 -5.67 0.22
C ALA B 193 4.57 -5.04 -0.10
N VAL B 194 4.67 -4.24 -1.18
CA VAL B 194 5.90 -3.53 -1.57
C VAL B 194 6.30 -2.47 -0.53
N GLY B 195 5.31 -1.86 0.11
CA GLY B 195 5.52 -0.88 1.15
C GLY B 195 5.87 -1.50 2.48
N PHE B 196 5.34 -2.69 2.76
CA PHE B 196 5.68 -3.42 3.97
C PHE B 196 7.16 -3.82 3.89
N HIS B 197 7.59 -4.26 2.70
CA HIS B 197 8.96 -4.62 2.43
C HIS B 197 9.86 -3.39 2.59
N ARG B 198 9.43 -2.24 2.07
CA ARG B 198 10.20 -0.99 2.14
C ARG B 198 10.30 -0.40 3.54
N GLY B 199 9.24 -0.56 4.32
CA GLY B 199 9.19 -0.09 5.70
C GLY B 199 10.04 -1.01 6.56
N LEU B 200 9.90 -2.32 6.34
CA LEU B 200 10.70 -3.33 7.03
C LEU B 200 12.18 -3.10 6.74
N THR B 201 12.53 -2.77 5.50
CA THR B 201 13.90 -2.51 5.12
C THR B 201 14.45 -1.28 5.90
N SER B 202 13.72 -0.16 5.88
CA SER B 202 14.17 1.04 6.58
C SER B 202 14.25 0.87 8.10
N GLU B 203 13.31 0.13 8.70
CA GLU B 203 13.32 -0.12 10.14
C GLU B 203 14.42 -1.11 10.51
N LEU B 204 14.70 -2.09 9.64
CA LEU B 204 15.78 -3.06 9.86
C LEU B 204 17.12 -2.33 9.96
N GLN B 205 17.31 -1.35 9.06
CA GLN B 205 18.50 -0.51 9.00
C GLN B 205 18.58 0.46 10.20
N ALA B 206 17.44 1.09 10.54
CA ALA B 206 17.37 2.05 11.64
C ALA B 206 17.62 1.43 13.00
N LEU B 207 17.33 0.13 13.17
CA LEU B 207 17.55 -0.54 14.45
C LEU B 207 18.94 -1.19 14.61
N GLY B 208 19.82 -1.01 13.63
CA GLY B 208 21.16 -1.58 13.66
C GLY B 208 21.27 -3.03 13.21
N ILE B 209 20.14 -3.66 12.83
CA ILE B 209 20.14 -5.05 12.39
C ILE B 209 20.74 -5.18 10.98
N THR B 210 21.81 -5.95 10.88
CA THR B 210 22.51 -6.15 9.63
C THR B 210 22.21 -7.52 9.01
N GLY B 211 22.35 -8.56 9.83
CA GLY B 211 22.15 -9.96 9.42
C GLY B 211 20.84 -10.35 8.78
N ILE B 212 19.78 -9.54 8.98
CA ILE B 212 18.49 -9.82 8.36
C ILE B 212 18.33 -9.06 7.06
N LYS B 213 18.44 -9.77 5.94
CA LYS B 213 18.29 -9.15 4.61
C LYS B 213 16.82 -9.19 4.15
N THR B 214 16.48 -8.44 3.08
CA THR B 214 15.12 -8.44 2.56
C THR B 214 15.13 -8.45 1.03
N SER B 215 14.29 -9.29 0.42
CA SER B 215 14.14 -9.35 -1.03
C SER B 215 12.67 -9.27 -1.37
N CYS B 216 12.34 -8.62 -2.48
CA CYS B 216 10.94 -8.47 -2.90
C CYS B 216 10.83 -8.87 -4.34
N LEU B 217 10.09 -9.94 -4.65
CA LEU B 217 9.93 -10.37 -6.03
C LEU B 217 8.76 -9.64 -6.73
N CYS B 218 9.06 -8.88 -7.79
CA CYS B 218 8.08 -8.09 -8.54
C CYS B 218 8.04 -8.48 -10.04
N PRO B 219 7.40 -9.62 -10.40
CA PRO B 219 7.37 -10.00 -11.82
C PRO B 219 6.13 -9.50 -12.57
N VAL B 220 6.09 -9.68 -13.90
CA VAL B 220 4.93 -9.29 -14.73
C VAL B 220 3.98 -10.54 -14.85
N PHE B 221 3.28 -10.82 -15.99
CA PHE B 221 2.41 -11.99 -16.08
C PHE B 221 3.21 -13.28 -16.14
N VAL B 222 3.04 -14.12 -15.13
CA VAL B 222 3.67 -15.43 -15.05
C VAL B 222 2.57 -16.44 -15.42
N ASN B 223 2.88 -17.35 -16.33
CA ASN B 223 1.96 -18.38 -16.80
C ASN B 223 1.75 -19.45 -15.73
N THR B 224 0.85 -19.21 -14.75
CA THR B 224 0.58 -20.17 -13.68
C THR B 224 -0.89 -20.57 -13.55
N GLY B 225 -1.77 -19.78 -14.15
CA GLY B 225 -3.20 -20.00 -14.04
C GLY B 225 -3.84 -19.19 -12.92
N PHE B 226 -3.04 -18.31 -12.26
CA PHE B 226 -3.46 -17.39 -11.20
C PHE B 226 -4.58 -16.50 -11.78
N THR B 227 -4.28 -15.89 -12.95
CA THR B 227 -5.13 -15.02 -13.77
C THR B 227 -5.18 -15.60 -15.19
N LYS B 228 -6.34 -15.47 -15.87
CA LYS B 228 -6.55 -16.08 -17.17
C LYS B 228 -5.63 -15.53 -18.28
N ASN B 229 -5.68 -14.23 -18.54
CA ASN B 229 -4.88 -13.62 -19.60
C ASN B 229 -3.95 -12.51 -19.06
N PRO B 230 -2.86 -12.19 -19.78
CA PRO B 230 -1.93 -11.17 -19.28
C PRO B 230 -2.50 -9.76 -19.22
N SER B 231 -1.86 -8.90 -18.40
CA SER B 231 -2.27 -7.51 -18.22
C SER B 231 -1.85 -6.62 -19.39
N PRO B 236 5.66 -9.87 -22.90
CA PRO B 236 6.70 -10.92 -22.89
C PRO B 236 6.21 -12.24 -22.26
N VAL B 237 5.45 -12.14 -21.15
CA VAL B 237 4.88 -13.25 -20.39
C VAL B 237 5.94 -14.28 -19.99
N LEU B 238 6.21 -14.36 -18.68
CA LEU B 238 7.22 -15.22 -18.08
C LEU B 238 6.68 -16.62 -17.80
N GLU B 239 7.57 -17.60 -17.70
CA GLU B 239 7.21 -18.97 -17.37
C GLU B 239 7.27 -19.22 -15.86
N THR B 240 6.65 -20.31 -15.41
CA THR B 240 6.60 -20.69 -14.00
C THR B 240 8.02 -20.79 -13.41
N ASP B 241 8.90 -21.55 -14.10
CA ASP B 241 10.28 -21.83 -13.70
C ASP B 241 11.26 -20.68 -13.87
N THR B 242 11.06 -19.83 -14.88
CA THR B 242 11.93 -18.70 -15.13
C THR B 242 11.91 -17.71 -13.97
N VAL B 243 10.71 -17.48 -13.41
CA VAL B 243 10.50 -16.58 -12.28
C VAL B 243 11.15 -17.12 -11.01
N ALA B 244 11.11 -18.45 -10.83
CA ALA B 244 11.72 -19.14 -9.68
C ALA B 244 13.24 -19.01 -9.69
N ARG B 245 13.85 -19.07 -10.90
CA ARG B 245 15.28 -18.89 -11.06
C ARG B 245 15.68 -17.45 -10.72
N SER B 246 14.84 -16.47 -11.09
CA SER B 246 15.08 -15.07 -10.77
C SER B 246 15.01 -14.83 -9.26
N LEU B 247 14.07 -15.51 -8.57
CA LEU B 247 13.94 -15.37 -7.13
C LEU B 247 15.09 -16.07 -6.43
N ILE B 248 15.48 -17.27 -6.87
CA ILE B 248 16.60 -17.97 -6.24
C ILE B 248 17.90 -17.19 -6.42
N ASP B 249 18.05 -16.46 -7.54
CA ASP B 249 19.27 -15.69 -7.79
C ASP B 249 19.29 -14.33 -7.05
N GLY B 250 18.12 -13.80 -6.75
CA GLY B 250 17.99 -12.54 -6.04
C GLY B 250 18.18 -12.68 -4.54
N ILE B 251 17.75 -13.82 -3.99
CA ILE B 251 17.92 -14.10 -2.58
C ILE B 251 19.40 -14.36 -2.27
N LEU B 252 20.11 -15.06 -3.18
CA LEU B 252 21.52 -15.38 -3.07
C LEU B 252 22.44 -14.16 -3.18
N THR B 253 22.03 -13.13 -3.94
CA THR B 253 22.83 -11.90 -4.00
C THR B 253 22.29 -10.80 -3.04
N ASN B 254 21.17 -11.07 -2.31
CA ASN B 254 20.52 -10.18 -1.34
C ASN B 254 20.01 -8.90 -1.98
N LYS B 255 19.39 -9.01 -3.16
CA LYS B 255 18.86 -7.84 -3.84
C LYS B 255 17.51 -7.43 -3.28
N LYS B 256 17.33 -6.14 -3.01
CA LYS B 256 16.11 -5.60 -2.43
C LYS B 256 14.90 -5.68 -3.36
N MET B 257 15.08 -5.41 -4.67
CA MET B 257 13.98 -5.42 -5.61
C MET B 257 14.25 -6.33 -6.80
N ILE B 258 13.58 -7.47 -6.83
CA ILE B 258 13.75 -8.46 -7.89
C ILE B 258 12.68 -8.27 -8.97
N PHE B 259 12.94 -7.38 -9.95
CA PHE B 259 12.01 -7.13 -11.05
C PHE B 259 12.14 -8.24 -12.07
N VAL B 260 11.01 -8.83 -12.52
CA VAL B 260 11.06 -9.90 -13.50
C VAL B 260 10.21 -9.55 -14.72
N PRO B 261 10.81 -9.13 -15.85
CA PRO B 261 12.26 -9.04 -16.13
C PRO B 261 12.92 -7.75 -15.61
N SER B 262 14.26 -7.79 -15.44
CA SER B 262 15.08 -6.71 -14.89
C SER B 262 14.90 -5.33 -15.52
N TYR B 263 14.52 -5.27 -16.79
CA TYR B 263 14.34 -4.01 -17.50
C TYR B 263 13.09 -3.24 -17.11
N ILE B 264 12.09 -3.90 -16.49
CA ILE B 264 10.86 -3.22 -16.11
C ILE B 264 11.11 -2.09 -15.06
N ASN B 265 12.36 -1.90 -14.61
CA ASN B 265 12.76 -0.84 -13.72
C ASN B 265 12.85 0.46 -14.53
N ILE B 266 13.44 0.42 -15.73
CA ILE B 266 13.55 1.61 -16.56
C ILE B 266 12.19 2.07 -17.06
N PHE B 267 11.23 1.16 -17.24
CA PHE B 267 9.88 1.51 -17.65
C PHE B 267 9.16 2.30 -16.57
N LEU B 268 9.41 1.97 -15.29
CA LEU B 268 8.81 2.69 -14.17
C LEU B 268 9.42 4.08 -14.00
N ILE B 269 10.68 4.27 -14.42
CA ILE B 269 11.36 5.55 -14.39
C ILE B 269 10.67 6.50 -15.35
N LEU B 270 10.41 6.04 -16.59
CA LEU B 270 9.74 6.81 -17.65
C LEU B 270 8.29 7.20 -17.29
N ASP B 271 7.66 6.46 -16.37
CA ASP B 271 6.30 6.74 -15.90
C ASP B 271 6.26 8.05 -15.12
N LYS B 272 7.36 8.40 -14.41
CA LYS B 272 7.42 9.65 -13.67
C LYS B 272 7.95 10.81 -14.51
N PHE B 273 7.49 10.90 -15.77
CA PHE B 273 7.82 11.94 -16.75
C PHE B 273 6.60 12.18 -17.66
#